data_1GMJ
#
_entry.id   1GMJ
#
_cell.length_a   32.010
_cell.length_b   53.290
_cell.length_c   156.940
_cell.angle_alpha   90.00
_cell.angle_beta   95.89
_cell.angle_gamma   90.00
#
_symmetry.space_group_name_H-M   'P 1 21 1'
#
_entity_poly.entity_id   1
_entity_poly.type   'polypeptide(L)'
_entity_poly.pdbx_seq_one_letter_code
;GSESGDNVRSSAGAVRDAGGAFGKREQAEEERYFRARAKEQLAALKKHKENEISHHAKEIERLQKEIERHKQSIKKLKQS
EDDD
;
_entity_poly.pdbx_strand_id   A,B,C,D
#
# COMPACT_ATOMS: atom_id res chain seq x y z
N GLY A 19 -46.08 83.94 -47.12
CA GLY A 19 -47.22 83.31 -47.86
C GLY A 19 -46.88 82.00 -48.56
N GLY A 20 -46.21 82.10 -49.71
CA GLY A 20 -45.83 80.92 -50.46
C GLY A 20 -44.50 80.37 -49.97
N ALA A 21 -43.60 81.27 -49.58
CA ALA A 21 -42.29 80.86 -49.09
C ALA A 21 -42.50 80.30 -47.68
N PHE A 22 -43.68 80.58 -47.12
CA PHE A 22 -44.02 80.08 -45.80
C PHE A 22 -44.35 78.61 -45.96
N GLY A 23 -45.18 78.32 -46.96
CA GLY A 23 -45.57 76.95 -47.24
C GLY A 23 -44.34 76.09 -47.41
N LYS A 24 -43.35 76.60 -48.15
CA LYS A 24 -42.11 75.86 -48.34
C LYS A 24 -41.36 75.69 -47.01
N ARG A 25 -40.91 76.80 -46.45
CA ARG A 25 -40.18 76.78 -45.18
C ARG A 25 -40.82 75.88 -44.09
N GLU A 26 -42.15 75.86 -44.03
CA GLU A 26 -42.79 75.03 -43.03
C GLU A 26 -42.44 73.59 -43.32
N GLN A 27 -42.41 73.22 -44.60
CA GLN A 27 -42.10 71.84 -44.96
C GLN A 27 -40.63 71.48 -44.75
N ALA A 28 -39.73 72.44 -44.90
CA ALA A 28 -38.31 72.20 -44.69
C ALA A 28 -38.09 71.96 -43.20
N GLU A 29 -38.86 72.65 -42.37
CA GLU A 29 -38.74 72.51 -40.92
C GLU A 29 -39.34 71.19 -40.45
N GLU A 30 -40.47 70.83 -41.05
CA GLU A 30 -41.16 69.58 -40.73
C GLU A 30 -40.18 68.48 -41.06
N GLU A 31 -39.52 68.61 -42.21
CA GLU A 31 -38.55 67.60 -42.65
C GLU A 31 -37.46 67.46 -41.61
N ARG A 32 -36.90 68.58 -41.16
CA ARG A 32 -35.84 68.51 -40.17
C ARG A 32 -36.34 67.92 -38.88
N TYR A 33 -37.54 68.31 -38.48
CA TYR A 33 -38.12 67.77 -37.26
C TYR A 33 -38.20 66.24 -37.30
N PHE A 34 -38.80 65.67 -38.35
CA PHE A 34 -38.92 64.21 -38.41
C PHE A 34 -37.56 63.49 -38.59
N ARG A 35 -36.61 64.13 -39.26
CA ARG A 35 -35.31 63.54 -39.40
C ARG A 35 -34.76 63.40 -37.99
N ALA A 36 -34.82 64.47 -37.20
CA ALA A 36 -34.30 64.39 -35.84
C ALA A 36 -35.04 63.31 -35.03
N ARG A 37 -36.34 63.16 -35.23
CA ARG A 37 -37.12 62.13 -34.54
C ARG A 37 -36.62 60.77 -34.97
N ALA A 38 -36.25 60.65 -36.24
CA ALA A 38 -35.76 59.36 -36.72
C ALA A 38 -34.41 59.03 -36.06
N LYS A 39 -33.49 59.98 -36.08
CA LYS A 39 -32.18 59.78 -35.52
C LYS A 39 -32.25 59.54 -34.04
N GLU A 40 -33.23 60.15 -33.37
CA GLU A 40 -33.34 59.89 -31.94
C GLU A 40 -33.62 58.40 -31.69
N GLN A 41 -34.53 57.82 -32.49
CA GLN A 41 -34.91 56.40 -32.37
C GLN A 41 -33.76 55.47 -32.75
N LEU A 42 -33.03 55.87 -33.77
CA LEU A 42 -31.90 55.11 -34.23
C LEU A 42 -30.87 55.05 -33.11
N ALA A 43 -30.66 56.18 -32.43
CA ALA A 43 -29.70 56.25 -31.33
C ALA A 43 -30.16 55.38 -30.19
N ALA A 44 -31.47 55.38 -29.93
CA ALA A 44 -31.99 54.57 -28.82
C ALA A 44 -31.71 53.11 -29.10
N LEU A 45 -31.91 52.69 -30.36
CA LEU A 45 -31.68 51.30 -30.78
C LEU A 45 -30.21 50.87 -30.62
N LYS A 46 -29.33 51.72 -31.09
CA LYS A 46 -27.91 51.47 -31.03
C LYS A 46 -27.51 51.42 -29.57
N LYS A 47 -28.12 52.29 -28.75
CA LYS A 47 -27.82 52.30 -27.32
C LYS A 47 -28.10 50.96 -26.63
N HIS A 48 -29.29 50.42 -26.82
CA HIS A 48 -29.58 49.14 -26.19
C HIS A 48 -28.75 47.99 -26.78
N LYS A 49 -28.43 48.06 -28.06
CA LYS A 49 -27.62 47.01 -28.67
C LYS A 49 -26.29 47.04 -27.92
N GLU A 50 -25.63 48.19 -27.92
CA GLU A 50 -24.37 48.32 -27.22
C GLU A 50 -24.44 47.95 -25.76
N ASN A 51 -25.53 48.32 -25.09
CA ASN A 51 -25.60 47.96 -23.69
C ASN A 51 -25.57 46.44 -23.58
N GLU A 52 -26.39 45.77 -24.39
CA GLU A 52 -26.45 44.31 -24.37
C GLU A 52 -25.11 43.65 -24.63
N ILE A 53 -24.47 44.06 -25.70
CA ILE A 53 -23.18 43.52 -26.03
C ILE A 53 -22.27 43.72 -24.82
N SER A 54 -22.32 44.91 -24.25
CA SER A 54 -21.51 45.24 -23.09
C SER A 54 -21.78 44.31 -21.93
N HIS A 55 -23.05 44.08 -21.60
CA HIS A 55 -23.31 43.17 -20.48
C HIS A 55 -22.62 41.82 -20.77
N HIS A 56 -22.90 41.23 -21.93
CA HIS A 56 -22.31 39.95 -22.28
C HIS A 56 -20.79 39.91 -22.19
N ALA A 57 -20.12 40.97 -22.62
CA ALA A 57 -18.68 40.99 -22.54
C ALA A 57 -18.26 40.94 -21.09
N LYS A 58 -18.89 41.76 -20.27
CA LYS A 58 -18.55 41.83 -18.86
C LYS A 58 -18.66 40.45 -18.24
N GLU A 59 -19.74 39.75 -18.59
CA GLU A 59 -20.01 38.42 -18.09
C GLU A 59 -18.88 37.48 -18.52
N ILE A 60 -18.50 37.55 -19.79
CA ILE A 60 -17.44 36.73 -20.32
C ILE A 60 -16.16 36.91 -19.50
N GLU A 61 -15.80 38.16 -19.22
CA GLU A 61 -14.60 38.45 -18.46
C GLU A 61 -14.68 37.84 -17.08
N ARG A 62 -15.84 37.96 -16.47
CA ARG A 62 -16.06 37.42 -15.15
C ARG A 62 -15.85 35.91 -15.18
N LEU A 63 -16.43 35.25 -16.17
CA LEU A 63 -16.30 33.81 -16.30
C LEU A 63 -14.85 33.41 -16.59
N GLN A 64 -14.13 34.20 -17.36
CA GLN A 64 -12.76 33.85 -17.65
C GLN A 64 -11.89 33.95 -16.42
N LYS A 65 -12.27 34.80 -15.47
CA LYS A 65 -11.48 34.90 -14.26
C LYS A 65 -11.72 33.68 -13.40
N GLU A 66 -12.94 33.16 -13.42
CA GLU A 66 -13.26 31.97 -12.65
C GLU A 66 -12.44 30.81 -13.21
N ILE A 67 -12.38 30.73 -14.53
CA ILE A 67 -11.62 29.69 -15.18
C ILE A 67 -10.17 29.81 -14.75
N GLU A 68 -9.66 31.05 -14.72
CA GLU A 68 -8.28 31.28 -14.32
C GLU A 68 -8.06 30.72 -12.91
N ARG A 69 -9.01 30.96 -12.02
CA ARG A 69 -8.91 30.45 -10.66
C ARG A 69 -8.76 28.93 -10.70
N HIS A 70 -9.67 28.27 -11.40
CA HIS A 70 -9.64 26.82 -11.51
C HIS A 70 -8.34 26.32 -12.09
N LYS A 71 -7.86 26.97 -13.14
CA LYS A 71 -6.61 26.55 -13.75
C LYS A 71 -5.45 26.64 -12.74
N GLN A 72 -5.49 27.64 -11.85
CA GLN A 72 -4.44 27.79 -10.84
C GLN A 72 -4.59 26.68 -9.81
N SER A 73 -5.83 26.38 -9.46
CA SER A 73 -6.09 25.31 -8.52
C SER A 73 -5.48 23.99 -9.02
N ILE A 74 -5.71 23.69 -10.30
CA ILE A 74 -5.18 22.49 -10.90
C ILE A 74 -3.66 22.48 -10.81
N LYS A 75 -3.04 23.57 -11.25
CA LYS A 75 -1.58 23.75 -11.21
C LYS A 75 -1.03 23.39 -9.84
N LYS A 76 -1.69 23.91 -8.80
CA LYS A 76 -1.30 23.60 -7.44
C LYS A 76 -1.40 22.08 -7.21
N LEU A 77 -2.61 21.55 -7.31
CA LEU A 77 -2.85 20.14 -7.10
C LEU A 77 -1.87 19.26 -7.87
N LYS A 78 -1.53 19.63 -9.09
CA LYS A 78 -0.58 18.82 -9.83
C LYS A 78 0.82 18.87 -9.23
N GLN A 79 1.22 20.02 -8.69
CA GLN A 79 2.55 20.10 -8.10
C GLN A 79 2.62 19.28 -6.83
N SER A 80 1.68 19.54 -5.93
CA SER A 80 1.65 18.85 -4.65
C SER A 80 1.57 17.34 -4.88
N GLU A 81 0.93 16.94 -5.97
CA GLU A 81 0.78 15.52 -6.24
C GLU A 81 2.12 14.98 -6.73
N ASP A 82 2.83 15.79 -7.52
CA ASP A 82 4.12 15.40 -8.05
C ASP A 82 5.17 15.43 -6.94
N ASP A 83 4.83 16.07 -5.83
CA ASP A 83 5.74 16.20 -4.68
C ASP A 83 5.75 15.02 -3.70
N GLY B 20 18.71 -16.93 11.10
CA GLY B 20 19.05 -17.98 10.10
C GLY B 20 18.59 -17.62 8.69
N ALA B 21 18.56 -18.60 7.80
CA ALA B 21 18.13 -18.36 6.41
C ALA B 21 16.69 -17.89 6.45
N PHE B 22 15.92 -18.46 7.37
CA PHE B 22 14.51 -18.12 7.55
C PHE B 22 14.35 -16.79 8.27
N GLY B 23 15.48 -16.20 8.65
CA GLY B 23 15.45 -14.92 9.33
C GLY B 23 15.59 -13.78 8.34
N LYS B 24 16.32 -14.01 7.26
CA LYS B 24 16.50 -12.96 6.27
C LYS B 24 15.40 -13.00 5.24
N ARG B 25 14.71 -14.13 5.13
CA ARG B 25 13.59 -14.23 4.19
C ARG B 25 12.50 -13.38 4.78
N GLU B 26 12.31 -13.51 6.10
CA GLU B 26 11.33 -12.73 6.87
C GLU B 26 11.60 -11.26 6.60
N GLN B 27 12.83 -10.84 6.88
CA GLN B 27 13.24 -9.45 6.71
C GLN B 27 12.92 -8.94 5.33
N ALA B 28 13.26 -9.73 4.32
CA ALA B 28 13.04 -9.38 2.93
C ALA B 28 11.56 -9.22 2.65
N GLU B 29 10.77 -10.16 3.15
CA GLU B 29 9.32 -10.13 2.95
C GLU B 29 8.67 -9.04 3.75
N GLU B 30 9.17 -8.79 4.96
CA GLU B 30 8.60 -7.72 5.78
C GLU B 30 8.88 -6.42 5.06
N GLU B 31 10.05 -6.33 4.45
CA GLU B 31 10.41 -5.12 3.74
C GLU B 31 9.46 -4.91 2.58
N ARG B 32 9.27 -5.95 1.75
CA ARG B 32 8.36 -5.84 0.61
C ARG B 32 6.99 -5.45 1.09
N TYR B 33 6.54 -6.07 2.18
CA TYR B 33 5.23 -5.74 2.69
C TYR B 33 5.07 -4.26 2.95
N PHE B 34 5.97 -3.71 3.77
CA PHE B 34 5.87 -2.29 4.12
C PHE B 34 6.05 -1.35 2.96
N ARG B 35 6.87 -1.73 2.00
CA ARG B 35 7.01 -0.88 0.85
C ARG B 35 5.65 -0.90 0.13
N ALA B 36 5.08 -2.07 -0.11
CA ALA B 36 3.77 -2.11 -0.76
C ALA B 36 2.75 -1.26 0.03
N ARG B 37 2.81 -1.25 1.37
CA ARG B 37 1.84 -0.43 2.11
C ARG B 37 2.12 1.04 1.88
N ALA B 38 3.38 1.37 1.74
CA ALA B 38 3.74 2.77 1.56
C ALA B 38 3.22 3.25 0.21
N LYS B 39 3.39 2.43 -0.82
CA LYS B 39 2.92 2.79 -2.14
C LYS B 39 1.38 2.79 -2.26
N GLU B 40 0.72 1.90 -1.53
CA GLU B 40 -0.75 1.91 -1.58
C GLU B 40 -1.20 3.29 -1.06
N GLN B 41 -0.59 3.76 0.02
CA GLN B 41 -0.94 5.07 0.57
C GLN B 41 -0.62 6.26 -0.34
N LEU B 42 0.57 6.26 -0.93
CA LEU B 42 0.92 7.33 -1.83
C LEU B 42 -0.09 7.33 -2.99
N ALA B 43 -0.46 6.16 -3.47
CA ALA B 43 -1.41 6.11 -4.56
C ALA B 43 -2.79 6.62 -4.16
N ALA B 44 -3.22 6.35 -2.93
CA ALA B 44 -4.52 6.83 -2.52
C ALA B 44 -4.49 8.35 -2.43
N LEU B 45 -3.38 8.92 -1.95
CA LEU B 45 -3.32 10.36 -1.91
C LEU B 45 -3.37 10.95 -3.33
N LYS B 46 -2.60 10.37 -4.27
CA LYS B 46 -2.60 10.84 -5.63
C LYS B 46 -4.00 10.71 -6.22
N LYS B 47 -4.68 9.61 -5.90
CA LYS B 47 -6.04 9.40 -6.40
C LYS B 47 -6.91 10.57 -6.01
N HIS B 48 -6.81 10.98 -4.76
CA HIS B 48 -7.62 12.09 -4.30
C HIS B 48 -7.29 13.39 -5.04
N LYS B 49 -6.01 13.69 -5.26
CA LYS B 49 -5.64 14.90 -5.97
C LYS B 49 -6.18 14.82 -7.41
N GLU B 50 -6.14 13.63 -8.01
CA GLU B 50 -6.64 13.50 -9.37
C GLU B 50 -8.14 13.76 -9.42
N ASN B 51 -8.85 13.32 -8.38
CA ASN B 51 -10.26 13.52 -8.36
C ASN B 51 -10.49 15.03 -8.33
N GLU B 52 -9.76 15.73 -7.47
CA GLU B 52 -9.90 17.17 -7.35
C GLU B 52 -9.56 17.88 -8.66
N ILE B 53 -8.45 17.50 -9.29
CA ILE B 53 -8.09 18.09 -10.56
C ILE B 53 -9.26 17.85 -11.52
N SER B 54 -9.79 16.64 -11.49
CA SER B 54 -10.91 16.25 -12.34
C SER B 54 -12.10 17.19 -12.20
N HIS B 55 -12.47 17.50 -10.96
CA HIS B 55 -13.60 18.37 -10.71
C HIS B 55 -13.31 19.75 -11.32
N HIS B 56 -12.20 20.35 -10.95
CA HIS B 56 -11.86 21.65 -11.48
C HIS B 56 -11.91 21.70 -13.00
N ALA B 57 -11.47 20.64 -13.65
CA ALA B 57 -11.47 20.57 -15.10
C ALA B 57 -12.90 20.60 -15.61
N LYS B 58 -13.75 19.83 -14.95
CA LYS B 58 -15.16 19.75 -15.33
C LYS B 58 -15.76 21.17 -15.28
N GLU B 59 -15.54 21.88 -14.17
CA GLU B 59 -16.04 23.24 -14.01
C GLU B 59 -15.55 24.15 -15.14
N ILE B 60 -14.26 24.06 -15.45
CA ILE B 60 -13.70 24.86 -16.50
C ILE B 60 -14.47 24.67 -17.79
N GLU B 61 -14.74 23.41 -18.17
CA GLU B 61 -15.45 23.12 -19.41
C GLU B 61 -16.86 23.71 -19.38
N ARG B 62 -17.47 23.66 -18.21
CA ARG B 62 -18.80 24.20 -18.03
C ARG B 62 -18.76 25.72 -18.26
N LEU B 63 -17.82 26.39 -17.58
CA LEU B 63 -17.68 27.84 -17.72
C LEU B 63 -17.35 28.23 -19.15
N GLN B 64 -16.59 27.41 -19.85
CA GLN B 64 -16.27 27.78 -21.22
C GLN B 64 -17.52 27.66 -22.08
N LYS B 65 -18.43 26.76 -21.73
CA LYS B 65 -19.64 26.65 -22.54
C LYS B 65 -20.52 27.90 -22.34
N GLU B 66 -20.55 28.43 -21.12
CA GLU B 66 -21.30 29.63 -20.85
C GLU B 66 -20.70 30.77 -21.67
N ILE B 67 -19.38 30.88 -21.65
CA ILE B 67 -18.71 31.92 -22.41
C ILE B 67 -19.11 31.81 -23.86
N GLU B 68 -19.15 30.58 -24.35
CA GLU B 68 -19.52 30.34 -25.74
C GLU B 68 -20.91 30.90 -25.99
N ARG B 69 -21.84 30.63 -25.08
CA ARG B 69 -23.19 31.14 -25.25
C ARG B 69 -23.14 32.66 -25.35
N HIS B 70 -22.46 33.32 -24.41
CA HIS B 70 -22.38 34.76 -24.45
C HIS B 70 -21.75 35.26 -25.73
N LYS B 71 -20.71 34.58 -26.20
CA LYS B 71 -20.04 34.99 -27.43
C LYS B 71 -20.98 34.90 -28.62
N GLN B 72 -21.88 33.91 -28.61
CA GLN B 72 -22.81 33.78 -29.71
C GLN B 72 -23.91 34.85 -29.57
N SER B 73 -24.30 35.18 -28.34
CA SER B 73 -25.29 36.23 -28.15
C SER B 73 -24.76 37.55 -28.74
N ILE B 74 -23.50 37.87 -28.43
CA ILE B 74 -22.88 39.08 -28.94
C ILE B 74 -22.91 39.07 -30.46
N LYS B 75 -22.44 37.98 -31.06
CA LYS B 75 -22.42 37.86 -32.51
C LYS B 75 -23.79 38.21 -33.11
N LYS B 76 -24.85 37.62 -32.56
CA LYS B 76 -26.20 37.91 -33.03
C LYS B 76 -26.47 39.42 -32.94
N LEU B 77 -26.27 39.99 -31.75
CA LEU B 77 -26.46 41.41 -31.55
C LEU B 77 -25.65 42.25 -32.54
N LYS B 78 -24.39 41.89 -32.76
CA LYS B 78 -23.53 42.66 -33.66
C LYS B 78 -24.07 42.73 -35.09
N GLN B 79 -24.92 41.78 -35.45
CA GLN B 79 -25.50 41.75 -36.79
C GLN B 79 -26.87 42.44 -36.77
N GLY C 20 -6.73 14.03 -15.20
CA GLY C 20 -7.74 14.03 -14.09
C GLY C 20 -8.65 12.80 -14.14
N ALA C 21 -9.18 12.53 -15.33
CA ALA C 21 -10.05 11.37 -15.55
C ALA C 21 -9.19 10.09 -15.63
N PHE C 22 -8.28 10.05 -16.60
CA PHE C 22 -7.38 8.92 -16.77
C PHE C 22 -6.51 8.71 -15.54
N GLY C 23 -6.06 9.82 -14.97
CA GLY C 23 -5.22 9.79 -13.78
C GLY C 23 -5.92 9.23 -12.57
N LYS C 24 -7.12 9.71 -12.28
CA LYS C 24 -7.83 9.20 -11.12
C LYS C 24 -8.01 7.67 -11.19
N ARG C 25 -8.41 7.14 -12.34
CA ARG C 25 -8.62 5.70 -12.47
C ARG C 25 -7.33 4.90 -12.27
N GLU C 26 -6.29 5.36 -12.94
CA GLU C 26 -4.98 4.75 -12.87
C GLU C 26 -4.52 4.69 -11.42
N GLN C 27 -4.72 5.77 -10.67
CA GLN C 27 -4.29 5.80 -9.30
C GLN C 27 -5.14 4.86 -8.48
N ALA C 28 -6.42 4.77 -8.82
CA ALA C 28 -7.30 3.89 -8.08
C ALA C 28 -6.81 2.47 -8.31
N GLU C 29 -6.37 2.20 -9.54
CA GLU C 29 -5.87 0.86 -9.87
C GLU C 29 -4.48 0.58 -9.27
N GLU C 30 -3.65 1.60 -9.12
CA GLU C 30 -2.34 1.46 -8.50
C GLU C 30 -2.62 1.13 -7.02
N GLU C 31 -3.54 1.86 -6.41
CA GLU C 31 -3.88 1.62 -5.01
C GLU C 31 -4.30 0.16 -4.78
N ARG C 32 -5.19 -0.35 -5.65
CA ARG C 32 -5.67 -1.72 -5.50
C ARG C 32 -4.53 -2.72 -5.69
N TYR C 33 -3.67 -2.42 -6.68
CA TYR C 33 -2.54 -3.27 -6.99
C TYR C 33 -1.62 -3.42 -5.77
N PHE C 34 -1.15 -2.28 -5.22
CA PHE C 34 -0.27 -2.32 -4.04
C PHE C 34 -0.95 -2.94 -2.83
N ARG C 35 -2.24 -2.66 -2.64
CA ARG C 35 -2.95 -3.26 -1.54
C ARG C 35 -2.89 -4.78 -1.73
N ALA C 36 -3.27 -5.28 -2.92
CA ALA C 36 -3.22 -6.73 -3.16
C ALA C 36 -1.82 -7.33 -2.88
N ARG C 37 -0.76 -6.69 -3.39
CA ARG C 37 0.62 -7.16 -3.19
C ARG C 37 0.96 -7.21 -1.73
N ALA C 38 0.46 -6.24 -0.96
CA ALA C 38 0.76 -6.26 0.48
C ALA C 38 0.09 -7.42 1.15
N LYS C 39 -1.16 -7.71 0.78
CA LYS C 39 -1.83 -8.83 1.44
C LYS C 39 -1.23 -10.15 1.02
N GLU C 40 -0.67 -10.18 -0.19
CA GLU C 40 -0.05 -11.41 -0.68
C GLU C 40 1.22 -11.66 0.13
N GLN C 41 2.03 -10.61 0.18
CA GLN C 41 3.28 -10.59 0.89
C GLN C 41 3.03 -11.04 2.34
N LEU C 42 1.96 -10.52 2.91
CA LEU C 42 1.62 -10.84 4.28
C LEU C 42 1.26 -12.31 4.42
N ALA C 43 0.57 -12.86 3.42
CA ALA C 43 0.15 -14.27 3.47
C ALA C 43 1.35 -15.19 3.31
N ALA C 44 2.36 -14.74 2.55
CA ALA C 44 3.57 -15.54 2.39
C ALA C 44 4.22 -15.59 3.78
N LEU C 45 4.25 -14.44 4.46
CA LEU C 45 4.85 -14.40 5.79
C LEU C 45 4.18 -15.35 6.76
N LYS C 46 2.85 -15.33 6.84
CA LYS C 46 2.16 -16.24 7.76
C LYS C 46 2.39 -17.68 7.36
N LYS C 47 2.26 -17.96 6.07
CA LYS C 47 2.48 -19.29 5.56
C LYS C 47 3.85 -19.76 6.06
N HIS C 48 4.85 -18.90 5.93
CA HIS C 48 6.18 -19.24 6.35
C HIS C 48 6.30 -19.46 7.86
N LYS C 49 5.55 -18.71 8.66
CA LYS C 49 5.62 -18.96 10.08
C LYS C 49 4.96 -20.29 10.36
N GLU C 50 3.97 -20.66 9.55
CA GLU C 50 3.28 -21.93 9.73
C GLU C 50 4.24 -23.07 9.38
N ASN C 51 5.02 -22.91 8.32
CA ASN C 51 6.00 -23.91 7.91
C ASN C 51 7.00 -24.12 9.05
N GLU C 52 7.50 -23.01 9.59
CA GLU C 52 8.46 -23.10 10.68
C GLU C 52 7.85 -23.79 11.88
N ILE C 53 6.63 -23.42 12.26
CA ILE C 53 6.01 -24.07 13.39
C ILE C 53 6.00 -25.56 13.13
N SER C 54 5.44 -25.93 12.00
CA SER C 54 5.38 -27.33 11.62
C SER C 54 6.79 -27.96 11.66
N HIS C 55 7.79 -27.24 11.16
CA HIS C 55 9.16 -27.75 11.14
C HIS C 55 9.65 -28.15 12.53
N HIS C 56 9.42 -27.29 13.50
CA HIS C 56 9.84 -27.58 14.86
C HIS C 56 9.07 -28.78 15.43
N ALA C 57 7.81 -28.95 15.00
CA ALA C 57 7.01 -30.07 15.48
C ALA C 57 7.61 -31.38 14.99
N LYS C 58 8.05 -31.38 13.73
CA LYS C 58 8.65 -32.56 13.13
C LYS C 58 9.94 -32.88 13.91
N GLU C 59 10.59 -31.82 14.40
CA GLU C 59 11.83 -31.93 15.15
C GLU C 59 11.58 -32.54 16.54
N ILE C 60 10.51 -32.11 17.18
CA ILE C 60 10.17 -32.61 18.49
C ILE C 60 9.82 -34.09 18.44
N GLU C 61 9.13 -34.50 17.38
CA GLU C 61 8.78 -35.91 17.27
C GLU C 61 10.06 -36.74 17.19
N ARG C 62 10.97 -36.31 16.32
CA ARG C 62 12.25 -36.98 16.13
C ARG C 62 13.08 -37.06 17.42
N LEU C 63 13.17 -35.96 18.15
CA LEU C 63 13.93 -35.98 19.40
C LEU C 63 13.25 -36.89 20.41
N GLN C 64 11.94 -37.09 20.27
CA GLN C 64 11.25 -37.97 21.22
C GLN C 64 11.50 -39.43 20.86
N LYS C 65 11.80 -39.69 19.60
CA LYS C 65 12.09 -41.05 19.15
C LYS C 65 13.51 -41.45 19.58
N GLU C 66 14.39 -40.46 19.66
CA GLU C 66 15.76 -40.70 20.08
C GLU C 66 15.78 -40.95 21.59
N ILE C 67 14.90 -40.25 22.31
CA ILE C 67 14.82 -40.45 23.75
C ILE C 67 14.24 -41.83 23.98
N GLU C 68 13.42 -42.28 23.05
CA GLU C 68 12.82 -43.60 23.17
C GLU C 68 13.91 -44.64 22.99
N ARG C 69 14.72 -44.45 21.96
CA ARG C 69 15.82 -45.36 21.66
C ARG C 69 16.76 -45.50 22.86
N HIS C 70 17.09 -44.38 23.51
CA HIS C 70 17.99 -44.41 24.66
C HIS C 70 17.31 -44.96 25.89
N LYS C 71 16.03 -44.63 26.05
CA LYS C 71 15.28 -45.09 27.21
C LYS C 71 15.24 -46.62 27.21
N GLN C 72 15.32 -47.20 26.02
CA GLN C 72 15.29 -48.65 25.87
C GLN C 72 16.67 -49.27 26.09
N SER C 73 17.70 -48.65 25.52
CA SER C 73 19.08 -49.12 25.66
C SER C 73 19.50 -49.13 27.12
N ILE C 74 18.82 -48.35 27.94
CA ILE C 74 19.10 -48.32 29.36
C ILE C 74 18.39 -49.50 30.00
N LYS C 75 17.13 -49.71 29.67
CA LYS C 75 16.38 -50.82 30.24
C LYS C 75 17.02 -52.14 29.87
N LYS C 76 17.66 -52.20 28.70
CA LYS C 76 18.33 -53.41 28.29
C LYS C 76 19.50 -53.61 29.26
N LEU C 77 20.35 -52.59 29.36
CA LEU C 77 21.52 -52.64 30.24
C LEU C 77 21.17 -53.13 31.65
N LYS C 78 19.97 -52.82 32.11
CA LYS C 78 19.53 -53.25 33.43
C LYS C 78 19.06 -54.70 33.45
N GLY D 23 55.03 -71.36 39.42
CA GLY D 23 55.68 -72.70 39.52
C GLY D 23 54.70 -73.78 39.95
N LYS D 24 54.96 -75.02 39.55
CA LYS D 24 54.07 -76.13 39.89
C LYS D 24 53.82 -76.26 41.39
N ARG D 25 54.70 -75.67 42.19
CA ARG D 25 54.55 -75.71 43.64
C ARG D 25 53.95 -74.42 44.16
N GLU D 26 53.37 -73.63 43.27
CA GLU D 26 52.77 -72.36 43.64
C GLU D 26 51.34 -72.24 43.08
N GLN D 27 50.70 -73.38 42.88
CA GLN D 27 49.38 -73.40 42.31
C GLN D 27 48.26 -72.91 43.20
N ALA D 28 48.45 -72.89 44.51
CA ALA D 28 47.38 -72.42 45.36
C ALA D 28 47.37 -70.92 45.26
N GLU D 29 48.52 -70.35 44.90
CA GLU D 29 48.67 -68.92 44.75
C GLU D 29 48.11 -68.51 43.38
N GLU D 30 48.53 -69.24 42.35
CA GLU D 30 48.04 -68.95 41.04
C GLU D 30 46.48 -68.96 41.10
N GLU D 31 45.91 -69.99 41.72
CA GLU D 31 44.45 -70.07 41.84
C GLU D 31 43.87 -68.81 42.48
N ARG D 32 44.43 -68.36 43.61
CA ARG D 32 43.93 -67.14 44.26
C ARG D 32 44.16 -65.87 43.42
N TYR D 33 45.27 -65.85 42.70
CA TYR D 33 45.62 -64.76 41.79
C TYR D 33 44.51 -64.59 40.73
N PHE D 34 44.26 -65.64 39.95
CA PHE D 34 43.21 -65.52 38.95
C PHE D 34 41.83 -65.30 39.58
N ARG D 35 41.56 -65.88 40.76
CA ARG D 35 40.23 -65.65 41.36
C ARG D 35 40.10 -64.17 41.67
N ALA D 36 41.19 -63.57 42.13
CA ALA D 36 41.21 -62.15 42.47
C ALA D 36 41.03 -61.29 41.23
N ARG D 37 41.71 -61.64 40.15
CA ARG D 37 41.56 -60.90 38.90
C ARG D 37 40.15 -61.05 38.34
N ALA D 38 39.58 -62.26 38.38
CA ALA D 38 38.23 -62.42 37.88
C ALA D 38 37.23 -61.52 38.63
N LYS D 39 37.39 -61.47 39.95
CA LYS D 39 36.51 -60.67 40.78
C LYS D 39 36.63 -59.19 40.49
N GLU D 40 37.84 -58.72 40.17
CA GLU D 40 38.02 -57.33 39.85
C GLU D 40 37.46 -57.06 38.44
N GLN D 41 37.70 -57.95 37.49
CA GLN D 41 37.16 -57.75 36.15
C GLN D 41 35.63 -57.72 36.24
N LEU D 42 35.05 -58.54 37.10
CA LEU D 42 33.61 -58.55 37.22
C LEU D 42 33.15 -57.20 37.76
N ALA D 43 33.90 -56.67 38.72
CA ALA D 43 33.57 -55.39 39.35
C ALA D 43 33.66 -54.25 38.36
N ALA D 44 34.62 -54.33 37.45
CA ALA D 44 34.77 -53.31 36.43
C ALA D 44 33.59 -53.38 35.45
N LEU D 45 33.23 -54.58 35.02
CA LEU D 45 32.11 -54.75 34.09
C LEU D 45 30.84 -54.12 34.67
N LYS D 46 30.52 -54.43 35.92
CA LYS D 46 29.32 -53.87 36.53
C LYS D 46 29.42 -52.36 36.57
N LYS D 47 30.64 -51.84 36.63
CA LYS D 47 30.85 -50.41 36.70
C LYS D 47 30.76 -49.73 35.32
N HIS D 48 31.12 -50.47 34.28
CA HIS D 48 31.08 -49.91 32.96
C HIS D 48 29.68 -50.01 32.38
N LYS D 49 28.86 -50.88 32.95
CA LYS D 49 27.50 -50.98 32.47
C LYS D 49 26.78 -49.84 33.16
N GLU D 50 27.20 -49.53 34.39
CA GLU D 50 26.59 -48.44 35.15
C GLU D 50 26.92 -47.11 34.49
N ASN D 51 28.17 -46.94 34.08
CA ASN D 51 28.55 -45.70 33.42
C ASN D 51 27.73 -45.51 32.14
N GLU D 52 27.60 -46.57 31.36
CA GLU D 52 26.85 -46.52 30.12
C GLU D 52 25.40 -46.15 30.42
N ILE D 53 24.79 -46.81 31.39
CA ILE D 53 23.41 -46.49 31.73
C ILE D 53 23.33 -44.99 32.04
N SER D 54 24.17 -44.54 32.96
CA SER D 54 24.18 -43.14 33.32
C SER D 54 24.42 -42.25 32.10
N HIS D 55 25.29 -42.69 31.19
CA HIS D 55 25.59 -41.94 29.98
C HIS D 55 24.32 -41.66 29.17
N HIS D 56 23.51 -42.70 28.98
CA HIS D 56 22.26 -42.57 28.24
C HIS D 56 21.30 -41.62 28.95
N ALA D 57 21.33 -41.64 30.28
CA ALA D 57 20.45 -40.78 31.06
C ALA D 57 20.80 -39.32 30.84
N LYS D 58 22.09 -39.03 30.80
CA LYS D 58 22.57 -37.67 30.58
C LYS D 58 22.12 -37.22 29.19
N GLU D 59 22.05 -38.18 28.26
CA GLU D 59 21.65 -37.92 26.88
C GLU D 59 20.14 -37.64 26.78
N ILE D 60 19.34 -38.40 27.54
CA ILE D 60 17.90 -38.20 27.54
C ILE D 60 17.55 -36.82 28.09
N GLU D 61 18.26 -36.38 29.13
CA GLU D 61 17.99 -35.08 29.69
C GLU D 61 18.25 -34.01 28.63
N ARG D 62 19.39 -34.14 27.97
CA ARG D 62 19.78 -33.20 26.93
C ARG D 62 18.76 -33.13 25.79
N LEU D 63 18.31 -34.29 25.31
CA LEU D 63 17.33 -34.32 24.23
C LEU D 63 16.02 -33.71 24.70
N GLN D 64 15.76 -33.75 26.01
CA GLN D 64 14.52 -33.19 26.49
C GLN D 64 14.59 -31.69 26.57
N LYS D 65 15.82 -31.17 26.69
CA LYS D 65 16.05 -29.73 26.75
C LYS D 65 15.95 -29.13 25.35
N GLU D 66 16.29 -29.93 24.34
CA GLU D 66 16.22 -29.48 22.96
C GLU D 66 14.75 -29.46 22.56
N ILE D 67 13.99 -30.44 23.05
CA ILE D 67 12.57 -30.51 22.77
C ILE D 67 11.90 -29.31 23.43
N GLU D 68 12.46 -28.87 24.54
CA GLU D 68 11.94 -27.73 25.27
C GLU D 68 12.16 -26.48 24.42
N ARG D 69 13.38 -26.34 23.96
CA ARG D 69 13.81 -25.23 23.11
C ARG D 69 12.88 -25.10 21.90
N HIS D 70 12.59 -26.23 21.25
CA HIS D 70 11.72 -26.23 20.08
C HIS D 70 10.28 -25.88 20.46
N LYS D 71 9.87 -26.17 21.69
CA LYS D 71 8.52 -25.82 22.11
C LYS D 71 8.43 -24.33 22.50
N GLN D 72 9.58 -23.73 22.76
CA GLN D 72 9.63 -22.33 23.13
C GLN D 72 9.57 -21.41 21.91
N SER D 73 10.18 -21.83 20.81
CA SER D 73 10.11 -21.02 19.60
C SER D 73 8.79 -21.35 18.90
N ILE D 74 8.28 -22.55 19.13
CA ILE D 74 7.01 -22.93 18.54
C ILE D 74 5.97 -21.92 19.08
N LYS D 75 6.03 -21.61 20.37
CA LYS D 75 5.06 -20.67 20.94
C LYS D 75 5.34 -19.26 20.46
N LYS D 76 6.61 -18.90 20.41
CA LYS D 76 7.00 -17.57 19.96
C LYS D 76 6.43 -17.29 18.55
N LEU D 77 6.75 -18.18 17.60
CA LEU D 77 6.27 -18.05 16.24
C LEU D 77 4.77 -17.87 16.21
N LYS D 78 4.08 -18.39 17.22
CA LYS D 78 2.62 -18.22 17.31
C LYS D 78 2.22 -16.79 17.66
#